data_1C21
#
_entry.id   1C21
#
_cell.length_a   39.242
_cell.length_b   67.588
_cell.length_c   48.927
_cell.angle_alpha   90.00
_cell.angle_beta   111.20
_cell.angle_gamma   90.00
#
_symmetry.space_group_name_H-M   'P 1 21 1'
#
loop_
_entity.id
_entity.type
_entity.pdbx_description
1 polymer 'METHIONINE AMINOPEPTIDASE'
2 non-polymer 'COBALT (II) ION'
3 non-polymer 'SODIUM ION'
4 non-polymer METHIONINE
5 water water
#
_entity_poly.entity_id   1
_entity_poly.type   'polypeptide(L)'
_entity_poly.pdbx_seq_one_letter_code
;AISIKTPEDIEKMRVAGRLAAEVLEMIEPYVKPGVSTGELDRICNDYIVNEQHAVSACLGYHGYPKSVCISINEVVCHGI
PDDAKLLKDGDIVNIDVTVIKDGFHGDTSKMFIVGKPTIMGERLCRITQESLYLALRMVKPGINLREIGAAIQKFVEAEG
FSVVREYCGHGIGQGFHEEPQVLHYDSRETNVVLKPGMTFTIEPMVNAGKKEIRTMKDGWTVKTKDRSLSAQYEHTIVVT
DNGCEILTLRKDDTIPAIISHDE
;
_entity_poly.pdbx_strand_id   A
#
loop_
_chem_comp.id
_chem_comp.type
_chem_comp.name
_chem_comp.formula
CO non-polymer 'COBALT (II) ION' 'Co 2'
NA non-polymer 'SODIUM ION' 'Na 1'
#
# COMPACT_ATOMS: atom_id res chain seq x y z
N ALA A 1 -20.70 0.59 -10.76
CA ALA A 1 -19.75 1.44 -11.43
C ALA A 1 -18.29 1.00 -11.34
N ILE A 2 -18.03 -0.28 -11.63
CA ILE A 2 -16.66 -0.74 -11.64
C ILE A 2 -16.17 -0.58 -13.05
N SER A 3 -15.16 0.25 -13.20
CA SER A 3 -14.60 0.54 -14.52
C SER A 3 -13.65 -0.53 -15.02
N ILE A 4 -13.80 -0.87 -16.28
CA ILE A 4 -12.96 -1.87 -16.96
C ILE A 4 -12.01 -1.12 -17.88
N LYS A 5 -10.72 -1.31 -17.62
CA LYS A 5 -9.72 -0.59 -18.37
C LYS A 5 -9.51 -1.13 -19.75
N THR A 6 -9.26 -0.24 -20.71
CA THR A 6 -8.97 -0.72 -22.05
C THR A 6 -7.47 -0.99 -22.05
N PRO A 7 -7.02 -1.58 -23.15
CA PRO A 7 -5.62 -1.89 -23.30
C PRO A 7 -4.77 -0.63 -23.26
N GLU A 8 -5.34 0.43 -23.79
CA GLU A 8 -4.64 1.70 -23.81
C GLU A 8 -4.56 2.23 -22.38
N ASP A 9 -5.65 2.07 -21.64
CA ASP A 9 -5.66 2.52 -20.26
C ASP A 9 -4.59 1.78 -19.47
N ILE A 10 -4.53 0.48 -19.68
CA ILE A 10 -3.57 -0.32 -18.98
C ILE A 10 -2.13 0.06 -19.26
N GLU A 11 -1.87 0.51 -20.47
CA GLU A 11 -0.52 0.91 -20.79
C GLU A 11 -0.07 2.14 -19.98
N LYS A 12 -1.03 3.05 -19.77
CA LYS A 12 -0.77 4.24 -19.00
C LYS A 12 -0.60 3.91 -17.53
N MET A 13 -1.34 2.92 -17.05
CA MET A 13 -1.24 2.50 -15.66
C MET A 13 0.09 1.82 -15.37
N ARG A 14 0.60 1.13 -16.38
CA ARG A 14 1.88 0.46 -16.29
C ARG A 14 2.96 1.54 -16.06
N VAL A 15 2.82 2.67 -16.75
CA VAL A 15 3.79 3.73 -16.61
C VAL A 15 3.69 4.38 -15.23
N ALA A 16 2.48 4.75 -14.83
CA ALA A 16 2.28 5.37 -13.53
C ALA A 16 2.69 4.44 -12.39
N GLY A 17 2.47 3.15 -12.60
CA GLY A 17 2.78 2.17 -11.58
C GLY A 17 4.30 2.05 -11.37
N ARG A 18 5.02 2.06 -12.48
CA ARG A 18 6.47 1.95 -12.40
C ARG A 18 7.07 3.23 -11.77
N LEU A 19 6.48 4.40 -12.07
CA LEU A 19 6.94 5.66 -11.49
C LEU A 19 6.79 5.57 -9.99
N ALA A 20 5.63 5.13 -9.53
CA ALA A 20 5.43 5.06 -8.11
C ALA A 20 6.41 4.11 -7.45
N ALA A 21 6.63 2.98 -8.09
CA ALA A 21 7.53 1.99 -7.54
C ALA A 21 8.92 2.60 -7.44
N GLU A 22 9.25 3.35 -8.47
CA GLU A 22 10.56 3.96 -8.53
C GLU A 22 10.85 4.92 -7.37
N VAL A 23 9.84 5.65 -6.91
CA VAL A 23 10.03 6.56 -5.78
C VAL A 23 10.49 5.77 -4.54
N LEU A 24 9.87 4.60 -4.35
CA LEU A 24 10.20 3.75 -3.22
C LEU A 24 11.58 3.17 -3.37
N GLU A 25 11.97 2.86 -4.60
CA GLU A 25 13.29 2.28 -4.75
C GLU A 25 14.36 3.33 -4.44
N MET A 26 14.11 4.53 -4.91
CA MET A 26 14.96 5.67 -4.82
C MET A 26 15.22 6.14 -3.40
N ILE A 27 14.19 6.14 -2.57
CA ILE A 27 14.31 6.69 -1.23
C ILE A 27 15.09 5.88 -0.22
N GLU A 28 15.19 4.61 -0.54
CA GLU A 28 15.82 3.68 0.35
C GLU A 28 17.06 4.16 1.08
N PRO A 29 18.09 4.58 0.34
CA PRO A 29 19.32 4.99 0.98
C PRO A 29 19.13 6.14 1.94
N TYR A 30 18.02 6.86 1.83
CA TYR A 30 17.89 7.95 2.76
C TYR A 30 17.28 7.60 4.09
N VAL A 31 16.76 6.39 4.21
CA VAL A 31 16.06 6.00 5.42
C VAL A 31 17.01 5.53 6.49
N LYS A 32 17.49 6.44 7.32
CA LYS A 32 18.44 6.05 8.35
C LYS A 32 18.16 6.77 9.64
N PRO A 33 18.72 6.33 10.74
CA PRO A 33 18.44 7.02 11.98
C PRO A 33 18.90 8.47 11.89
N GLY A 34 18.11 9.39 12.46
CA GLY A 34 18.46 10.79 12.43
C GLY A 34 17.78 11.58 11.33
N VAL A 35 17.23 10.89 10.33
CA VAL A 35 16.53 11.67 9.31
C VAL A 35 15.10 11.95 9.78
N SER A 36 14.57 13.11 9.37
CA SER A 36 13.21 13.46 9.72
C SER A 36 12.25 12.96 8.62
N THR A 37 10.98 12.80 8.96
CA THR A 37 10.03 12.38 7.93
C THR A 37 9.75 13.55 6.99
N GLY A 38 9.91 14.79 7.49
CA GLY A 38 9.70 15.97 6.67
C GLY A 38 10.69 15.99 5.51
N GLU A 39 11.96 15.66 5.82
CA GLU A 39 12.99 15.60 4.78
C GLU A 39 12.68 14.51 3.72
N LEU A 40 12.23 13.34 4.16
CA LEU A 40 11.91 12.24 3.23
C LEU A 40 10.83 12.66 2.26
N ASP A 41 9.85 13.37 2.82
CA ASP A 41 8.73 13.88 2.02
C ASP A 41 9.27 14.87 0.95
N ARG A 42 10.18 15.77 1.35
CA ARG A 42 10.74 16.72 0.39
C ARG A 42 11.49 16.03 -0.72
N ILE A 43 12.32 15.05 -0.36
CA ILE A 43 13.07 14.36 -1.37
C ILE A 43 12.14 13.68 -2.35
N CYS A 44 11.11 13.05 -1.83
CA CYS A 44 10.16 12.35 -2.69
C CYS A 44 9.47 13.32 -3.63
N ASN A 45 9.00 14.42 -3.08
CA ASN A 45 8.32 15.42 -3.87
C ASN A 45 9.15 15.99 -5.01
N ASP A 46 10.40 16.27 -4.71
CA ASP A 46 11.28 16.82 -5.71
C ASP A 46 11.45 15.88 -6.89
N TYR A 47 11.66 14.61 -6.55
CA TYR A 47 11.89 13.55 -7.54
C TYR A 47 10.69 13.41 -8.44
N ILE A 48 9.54 13.32 -7.81
CA ILE A 48 8.27 13.18 -8.53
C ILE A 48 8.06 14.29 -9.54
N VAL A 49 8.21 15.52 -9.06
CA VAL A 49 7.99 16.71 -9.86
C VAL A 49 9.09 17.06 -10.84
N ASN A 50 10.33 17.08 -10.35
CA ASN A 50 11.46 17.49 -11.15
C ASN A 50 12.10 16.45 -12.02
N GLU A 51 12.14 15.22 -11.56
CA GLU A 51 12.76 14.20 -12.39
C GLU A 51 11.71 13.45 -13.18
N GLN A 52 10.73 12.93 -12.48
CA GLN A 52 9.72 12.19 -13.15
C GLN A 52 8.75 13.02 -13.96
N HIS A 53 8.66 14.31 -13.69
CA HIS A 53 7.68 15.10 -14.37
C HIS A 53 6.26 14.58 -14.14
N ALA A 54 6.00 14.09 -12.93
CA ALA A 54 4.68 13.62 -12.57
C ALA A 54 4.10 14.49 -11.46
N VAL A 55 3.04 14.02 -10.84
CA VAL A 55 2.43 14.77 -9.78
C VAL A 55 2.03 13.84 -8.63
N SER A 56 2.08 14.32 -7.37
CA SER A 56 1.66 13.48 -6.26
C SER A 56 0.16 13.54 -6.15
N ALA A 57 -0.51 12.40 -6.09
CA ALA A 57 -1.96 12.48 -5.97
C ALA A 57 -2.37 12.88 -4.57
N CYS A 58 -1.45 12.79 -3.61
CA CYS A 58 -1.84 13.11 -2.24
C CYS A 58 -1.97 14.59 -1.87
N LEU A 59 -1.07 15.37 -2.41
CA LEU A 59 -0.97 16.80 -2.16
C LEU A 59 -2.27 17.49 -2.49
N GLY A 60 -2.99 17.95 -1.47
CA GLY A 60 -4.25 18.63 -1.67
C GLY A 60 -5.50 17.74 -1.61
N TYR A 61 -5.32 16.43 -1.66
CA TYR A 61 -6.48 15.52 -1.63
C TYR A 61 -7.23 15.69 -0.33
N HIS A 62 -8.44 16.19 -0.41
CA HIS A 62 -9.18 16.43 0.81
C HIS A 62 -8.36 17.35 1.72
N GLY A 63 -7.45 18.14 1.14
CA GLY A 63 -6.68 19.05 1.94
C GLY A 63 -5.36 18.49 2.50
N TYR A 64 -5.03 17.26 2.16
CA TYR A 64 -3.78 16.65 2.65
C TYR A 64 -2.65 17.57 2.28
N PRO A 65 -1.84 17.91 3.27
CA PRO A 65 -0.79 18.90 3.07
C PRO A 65 0.52 18.47 2.50
N LYS A 66 0.79 17.16 2.43
CA LYS A 66 2.12 16.73 1.96
C LYS A 66 2.06 15.86 0.71
N SER A 67 3.23 15.43 0.26
CA SER A 67 3.27 14.64 -0.95
C SER A 67 3.12 13.14 -0.77
N VAL A 68 3.60 12.60 0.34
CA VAL A 68 3.52 11.17 0.63
C VAL A 68 3.01 10.98 2.05
N CYS A 69 2.66 9.76 2.39
CA CYS A 69 2.26 9.43 3.76
C CYS A 69 3.37 8.57 4.38
N ILE A 70 3.82 8.97 5.56
CA ILE A 70 4.87 8.23 6.24
C ILE A 70 4.39 7.85 7.65
N SER A 71 4.19 6.56 7.86
CA SER A 71 3.63 6.10 9.10
C SER A 71 4.60 5.27 9.91
N ILE A 72 5.01 5.83 11.04
CA ILE A 72 5.94 5.14 11.91
C ILE A 72 5.29 4.32 13.04
N ASN A 73 5.83 3.11 13.25
CA ASN A 73 5.47 2.20 14.33
C ASN A 73 3.99 2.04 14.54
N GLU A 74 3.49 2.56 15.65
CA GLU A 74 2.06 2.46 15.97
C GLU A 74 1.14 3.29 15.05
N VAL A 75 1.67 4.14 14.20
CA VAL A 75 0.82 4.86 13.27
C VAL A 75 0.45 3.84 12.19
N VAL A 76 -0.86 3.70 12.00
CA VAL A 76 -1.45 2.75 11.07
C VAL A 76 -1.34 3.17 9.61
N CYS A 77 -1.79 4.40 9.40
CA CYS A 77 -1.75 5.01 8.10
C CYS A 77 -1.90 6.54 8.19
N HIS A 78 -1.66 7.18 7.06
CA HIS A 78 -1.79 8.61 6.90
C HIS A 78 -0.86 9.46 7.71
N GLY A 79 0.19 8.85 8.21
CA GLY A 79 1.09 9.67 8.99
C GLY A 79 1.55 10.85 8.14
N ILE A 80 1.50 12.01 8.78
CA ILE A 80 1.91 13.24 8.15
C ILE A 80 3.41 13.57 8.32
N PRO A 81 4.12 13.71 7.20
CA PRO A 81 5.54 14.04 7.29
C PRO A 81 5.79 15.30 8.11
N ASP A 82 6.89 15.36 8.85
CA ASP A 82 7.14 16.52 9.68
C ASP A 82 8.63 16.64 9.96
N ASP A 83 9.11 17.88 9.94
CA ASP A 83 10.53 18.17 10.15
C ASP A 83 11.02 17.82 11.54
N ALA A 84 10.10 17.74 12.47
CA ALA A 84 10.38 17.42 13.85
C ALA A 84 10.38 15.92 14.17
N LYS A 85 9.78 15.09 13.29
CA LYS A 85 9.74 13.65 13.56
C LYS A 85 10.99 12.92 13.03
N LEU A 86 11.91 12.54 13.93
CA LEU A 86 13.14 11.90 13.52
C LEU A 86 13.05 10.40 13.72
N LEU A 87 13.64 9.68 12.78
CA LEU A 87 13.67 8.23 12.85
C LEU A 87 14.79 7.77 13.78
N LYS A 88 14.56 6.63 14.47
CA LYS A 88 15.49 6.03 15.45
C LYS A 88 15.72 4.56 15.08
N ASP A 89 16.77 3.99 15.65
CA ASP A 89 17.09 2.62 15.42
C ASP A 89 15.91 1.77 15.82
N GLY A 90 15.59 0.75 15.03
CA GLY A 90 14.46 -0.09 15.40
C GLY A 90 13.09 0.36 14.93
N ASP A 91 12.95 1.61 14.46
CA ASP A 91 11.63 2.03 13.97
C ASP A 91 11.25 1.23 12.70
N ILE A 92 9.96 1.03 12.46
CA ILE A 92 9.52 0.39 11.23
C ILE A 92 8.68 1.49 10.57
N VAL A 93 8.85 1.75 9.29
CA VAL A 93 8.10 2.83 8.74
C VAL A 93 7.56 2.49 7.36
N ASN A 94 6.33 2.90 7.16
CA ASN A 94 5.67 2.71 5.89
C ASN A 94 5.74 4.03 5.12
N ILE A 95 6.06 3.94 3.84
CA ILE A 95 6.03 5.10 2.97
C ILE A 95 5.03 4.72 1.86
N ASP A 96 3.96 5.48 1.77
CA ASP A 96 2.90 5.22 0.82
C ASP A 96 2.89 6.34 -0.19
N VAL A 97 3.08 5.95 -1.44
CA VAL A 97 3.13 6.90 -2.56
C VAL A 97 2.05 6.69 -3.62
N THR A 98 1.48 7.78 -4.13
CA THR A 98 0.48 7.67 -5.21
C THR A 98 0.83 8.77 -6.20
N VAL A 99 1.25 8.38 -7.38
CA VAL A 99 1.65 9.36 -8.39
C VAL A 99 0.64 9.41 -9.53
N ILE A 100 0.50 10.59 -10.14
CA ILE A 100 -0.39 10.72 -11.29
C ILE A 100 0.47 11.04 -12.52
N LYS A 101 0.27 10.29 -13.61
CA LYS A 101 1.01 10.53 -14.83
C LYS A 101 0.02 10.33 -15.99
N ASP A 102 -0.08 11.33 -16.87
CA ASP A 102 -1.00 11.25 -17.97
C ASP A 102 -2.37 10.88 -17.50
N GLY A 103 -2.74 11.46 -16.38
CA GLY A 103 -4.06 11.27 -15.82
C GLY A 103 -4.35 9.94 -15.11
N PHE A 104 -3.39 8.99 -15.10
CA PHE A 104 -3.62 7.71 -14.45
C PHE A 104 -2.82 7.61 -13.16
N HIS A 105 -3.41 6.94 -12.17
CA HIS A 105 -2.77 6.78 -10.86
C HIS A 105 -2.00 5.46 -10.67
N GLY A 106 -0.96 5.51 -9.83
CA GLY A 106 -0.13 4.36 -9.43
C GLY A 106 -0.03 4.45 -7.91
N ASP A 107 -0.44 3.42 -7.17
CA ASP A 107 -0.47 3.52 -5.71
C ASP A 107 0.28 2.36 -5.07
N THR A 108 1.29 2.61 -4.22
CA THR A 108 2.04 1.51 -3.66
C THR A 108 2.73 1.93 -2.38
N SER A 109 3.05 0.97 -1.51
CA SER A 109 3.73 1.30 -0.27
C SER A 109 4.55 0.12 0.20
N LYS A 110 5.53 0.41 1.06
CA LYS A 110 6.33 -0.65 1.63
C LYS A 110 6.81 -0.21 2.99
N MET A 111 7.26 -1.21 3.76
CA MET A 111 7.79 -0.93 5.07
C MET A 111 9.33 -0.85 4.97
N PHE A 112 9.92 0.02 5.78
CA PHE A 112 11.37 0.10 5.83
C PHE A 112 11.76 -0.06 7.30
N ILE A 113 12.83 -0.77 7.57
CA ILE A 113 13.25 -0.93 8.95
C ILE A 113 14.47 -0.04 9.14
N VAL A 114 14.43 0.85 10.14
CA VAL A 114 15.50 1.81 10.41
C VAL A 114 16.59 1.25 11.29
N GLY A 115 17.81 1.31 10.79
CA GLY A 115 18.93 0.81 11.54
C GLY A 115 18.76 -0.65 11.95
N LYS A 116 19.09 -0.95 13.20
CA LYS A 116 18.98 -2.31 13.71
C LYS A 116 17.53 -2.66 14.03
N PRO A 117 17.03 -3.72 13.37
CA PRO A 117 15.63 -4.14 13.55
C PRO A 117 15.39 -4.81 14.87
N THR A 118 14.12 -4.81 15.29
CA THR A 118 13.73 -5.50 16.51
C THR A 118 13.15 -6.82 16.00
N ILE A 119 13.02 -7.80 16.88
CA ILE A 119 12.49 -9.10 16.48
C ILE A 119 11.03 -8.94 16.01
N MET A 120 10.24 -8.22 16.81
CA MET A 120 8.83 -7.96 16.52
C MET A 120 8.64 -7.22 15.21
N GLY A 121 9.41 -6.17 15.02
CA GLY A 121 9.23 -5.39 13.82
C GLY A 121 9.54 -6.19 12.55
N GLU A 122 10.62 -6.93 12.58
CA GLU A 122 10.99 -7.70 11.43
C GLU A 122 9.92 -8.73 11.09
N ARG A 123 9.52 -9.45 12.14
CA ARG A 123 8.51 -10.46 12.00
C ARG A 123 7.22 -9.88 11.43
N LEU A 124 6.78 -8.77 12.02
CA LEU A 124 5.54 -8.15 11.60
C LEU A 124 5.57 -7.70 10.14
N CYS A 125 6.71 -7.14 9.73
CA CYS A 125 6.81 -6.69 8.37
C CYS A 125 6.77 -7.89 7.43
N ARG A 126 7.48 -8.92 7.81
CA ARG A 126 7.52 -10.11 6.98
C ARG A 126 6.17 -10.76 6.74
N ILE A 127 5.42 -10.88 7.82
CA ILE A 127 4.14 -11.51 7.77
C ILE A 127 3.17 -10.68 6.96
N THR A 128 3.28 -9.37 7.09
CA THR A 128 2.40 -8.51 6.36
C THR A 128 2.67 -8.63 4.85
N GLN A 129 3.94 -8.64 4.47
CA GLN A 129 4.22 -8.75 3.05
C GLN A 129 3.71 -10.09 2.50
N GLU A 130 3.97 -11.14 3.27
CA GLU A 130 3.56 -12.47 2.88
C GLU A 130 2.06 -12.52 2.71
N SER A 131 1.33 -11.81 3.56
CA SER A 131 -0.13 -11.84 3.43
C SER A 131 -0.54 -11.15 2.13
N LEU A 132 0.23 -10.16 1.70
CA LEU A 132 -0.12 -9.49 0.44
C LEU A 132 0.19 -10.41 -0.73
N TYR A 133 1.33 -11.06 -0.63
CA TYR A 133 1.72 -11.95 -1.71
C TYR A 133 0.71 -13.09 -1.84
N LEU A 134 0.26 -13.62 -0.73
CA LEU A 134 -0.71 -14.71 -0.76
C LEU A 134 -1.95 -14.28 -1.56
N ALA A 135 -2.42 -13.06 -1.27
CA ALA A 135 -3.57 -12.50 -1.94
C ALA A 135 -3.36 -12.36 -3.43
N LEU A 136 -2.17 -11.87 -3.81
CA LEU A 136 -1.84 -11.69 -5.22
C LEU A 136 -1.91 -13.01 -5.98
N ARG A 137 -1.46 -14.07 -5.34
CA ARG A 137 -1.44 -15.39 -5.98
C ARG A 137 -2.81 -15.95 -6.22
N MET A 138 -3.82 -15.36 -5.60
CA MET A 138 -5.15 -15.89 -5.79
C MET A 138 -5.93 -15.19 -6.87
N VAL A 139 -5.51 -13.97 -7.19
CA VAL A 139 -6.19 -13.15 -8.17
C VAL A 139 -6.33 -13.77 -9.57
N LYS A 140 -7.58 -13.90 -10.03
CA LYS A 140 -7.84 -14.42 -11.37
C LYS A 140 -9.30 -14.24 -11.69
N PRO A 141 -9.61 -14.20 -12.99
CA PRO A 141 -11.00 -13.99 -13.38
C PRO A 141 -11.95 -15.06 -12.81
N GLY A 142 -13.16 -14.66 -12.45
CA GLY A 142 -14.12 -15.60 -11.92
C GLY A 142 -14.14 -15.77 -10.40
N ILE A 143 -13.06 -15.39 -9.70
CA ILE A 143 -13.06 -15.58 -8.26
C ILE A 143 -13.76 -14.41 -7.58
N ASN A 144 -14.35 -14.64 -6.38
CA ASN A 144 -15.01 -13.61 -5.61
C ASN A 144 -14.01 -12.92 -4.68
N LEU A 145 -14.05 -11.58 -4.65
CA LEU A 145 -13.09 -10.84 -3.78
C LEU A 145 -13.14 -11.35 -2.37
N ARG A 146 -14.33 -11.81 -1.99
CA ARG A 146 -14.48 -12.27 -0.60
C ARG A 146 -13.46 -13.30 -0.22
N GLU A 147 -13.16 -14.20 -1.13
CA GLU A 147 -12.22 -15.26 -0.86
C GLU A 147 -10.86 -14.70 -0.53
N ILE A 148 -10.53 -13.60 -1.17
CA ILE A 148 -9.23 -13.00 -0.95
C ILE A 148 -9.10 -12.40 0.46
N GLY A 149 -10.13 -11.67 0.88
CA GLY A 149 -10.14 -11.06 2.19
C GLY A 149 -10.07 -12.14 3.23
N ALA A 150 -10.84 -13.19 3.01
CA ALA A 150 -10.85 -14.29 3.95
C ALA A 150 -9.48 -14.98 4.09
N ALA A 151 -8.81 -15.18 2.96
CA ALA A 151 -7.50 -15.82 3.00
C ALA A 151 -6.47 -14.99 3.80
N ILE A 152 -6.47 -13.67 3.57
CA ILE A 152 -5.59 -12.77 4.26
C ILE A 152 -5.84 -12.89 5.76
N GLN A 153 -7.09 -12.72 6.15
CA GLN A 153 -7.42 -12.81 7.54
C GLN A 153 -6.95 -14.11 8.20
N LYS A 154 -7.29 -15.21 7.58
CA LYS A 154 -6.90 -16.47 8.15
C LYS A 154 -5.40 -16.56 8.35
N PHE A 155 -4.66 -16.06 7.37
CA PHE A 155 -3.23 -16.15 7.42
C PHE A 155 -2.68 -15.36 8.59
N VAL A 156 -3.05 -14.12 8.59
CA VAL A 156 -2.62 -13.19 9.61
C VAL A 156 -2.95 -13.65 10.99
N GLU A 157 -4.19 -14.07 11.21
CA GLU A 157 -4.62 -14.49 12.52
C GLU A 157 -3.88 -15.71 13.00
N ALA A 158 -3.61 -16.63 12.07
CA ALA A 158 -2.90 -17.83 12.43
C ALA A 158 -1.52 -17.53 12.93
N GLU A 159 -1.02 -16.37 12.54
CA GLU A 159 0.31 -15.96 12.95
C GLU A 159 0.34 -15.11 14.20
N GLY A 160 -0.80 -14.94 14.87
CA GLY A 160 -0.92 -14.21 16.12
C GLY A 160 -1.12 -12.71 16.04
N PHE A 161 -1.36 -12.20 14.82
CA PHE A 161 -1.58 -10.78 14.58
C PHE A 161 -3.02 -10.46 14.25
N SER A 162 -3.35 -9.18 14.03
CA SER A 162 -4.73 -8.91 13.68
C SER A 162 -4.83 -8.06 12.43
N VAL A 163 -5.97 -8.09 11.76
CA VAL A 163 -6.11 -7.28 10.55
C VAL A 163 -7.00 -6.08 10.77
N VAL A 164 -6.55 -4.91 10.31
CA VAL A 164 -7.37 -3.71 10.47
C VAL A 164 -8.60 -3.74 9.58
N ARG A 165 -9.78 -3.48 10.18
CA ARG A 165 -11.01 -3.53 9.43
C ARG A 165 -11.42 -2.32 8.64
N GLU A 166 -11.21 -1.16 9.23
CA GLU A 166 -11.60 0.10 8.66
C GLU A 166 -11.01 0.60 7.34
N TYR A 167 -9.82 0.19 7.02
CA TYR A 167 -9.26 0.71 5.79
C TYR A 167 -9.11 -0.42 4.83
N CYS A 168 -9.25 -0.12 3.54
CA CYS A 168 -9.24 -1.21 2.58
C CYS A 168 -8.63 -0.83 1.25
N GLY A 169 -8.42 -1.84 0.42
CA GLY A 169 -7.89 -1.63 -0.92
C GLY A 169 -9.02 -1.02 -1.76
N HIS A 170 -8.70 -0.56 -2.97
CA HIS A 170 -9.73 0.11 -3.75
C HIS A 170 -9.45 0.07 -5.24
N GLY A 171 -10.49 0.26 -6.04
CA GLY A 171 -10.24 0.32 -7.45
C GLY A 171 -9.43 1.60 -7.64
N ILE A 172 -8.77 1.69 -8.77
CA ILE A 172 -7.93 2.85 -9.08
C ILE A 172 -7.76 2.97 -10.57
N GLY A 173 -7.58 4.19 -11.08
CA GLY A 173 -7.35 4.40 -12.51
C GLY A 173 -7.24 5.89 -12.78
N GLN A 174 -8.25 6.44 -13.46
CA GLN A 174 -8.30 7.87 -13.68
C GLN A 174 -8.65 8.48 -12.31
N GLY A 175 -9.35 7.71 -11.50
CA GLY A 175 -9.74 8.11 -10.15
C GLY A 175 -8.77 7.52 -9.12
N PHE A 176 -8.57 8.20 -8.01
CA PHE A 176 -7.68 7.70 -6.98
C PHE A 176 -8.28 6.50 -6.27
N HIS A 177 -9.51 6.68 -5.79
CA HIS A 177 -10.19 5.62 -5.08
C HIS A 177 -11.48 5.29 -5.80
N GLU A 178 -11.47 4.26 -6.64
CA GLU A 178 -12.65 3.85 -7.36
C GLU A 178 -13.21 2.56 -6.76
N GLU A 179 -14.35 2.09 -7.30
CA GLU A 179 -14.93 0.84 -6.85
C GLU A 179 -14.04 -0.22 -7.42
N PRO A 180 -13.93 -1.33 -6.72
CA PRO A 180 -14.66 -1.55 -5.52
C PRO A 180 -13.80 -1.39 -4.28
N GLN A 181 -14.44 -1.59 -3.11
CA GLN A 181 -13.74 -1.60 -1.84
C GLN A 181 -13.10 -2.99 -1.72
N VAL A 182 -11.82 -3.08 -1.43
CA VAL A 182 -11.21 -4.39 -1.31
C VAL A 182 -10.94 -4.66 0.15
N LEU A 183 -11.81 -5.48 0.76
CA LEU A 183 -11.68 -5.81 2.18
C LEU A 183 -10.58 -6.79 2.46
N HIS A 184 -9.85 -6.55 3.56
CA HIS A 184 -8.77 -7.46 3.92
C HIS A 184 -9.19 -8.52 4.96
N TYR A 185 -10.49 -8.76 5.05
CA TYR A 185 -10.99 -9.77 5.96
C TYR A 185 -12.25 -10.40 5.39
N ASP A 186 -12.66 -11.47 6.07
CA ASP A 186 -13.87 -12.19 5.66
C ASP A 186 -15.12 -11.41 6.02
N SER A 187 -15.99 -11.19 5.05
CA SER A 187 -17.24 -10.47 5.30
C SER A 187 -18.29 -10.98 4.38
N ARG A 188 -19.44 -11.29 4.96
CA ARG A 188 -20.57 -11.76 4.20
C ARG A 188 -21.12 -10.65 3.37
N GLU A 189 -20.69 -9.43 3.65
CA GLU A 189 -21.12 -8.28 2.85
C GLU A 189 -20.46 -8.23 1.48
N THR A 190 -19.31 -8.89 1.34
CA THR A 190 -18.53 -8.86 0.09
C THR A 190 -19.01 -9.80 -0.99
N ASN A 191 -19.36 -9.27 -2.16
CA ASN A 191 -19.81 -10.11 -3.28
C ASN A 191 -19.46 -9.45 -4.61
N VAL A 192 -18.23 -9.66 -5.03
CA VAL A 192 -17.69 -9.13 -6.27
C VAL A 192 -16.88 -10.18 -6.99
N VAL A 193 -17.28 -10.48 -8.22
CA VAL A 193 -16.60 -11.44 -9.05
C VAL A 193 -15.60 -10.72 -9.93
N LEU A 194 -14.38 -11.21 -9.95
CA LEU A 194 -13.36 -10.56 -10.74
C LEU A 194 -13.44 -10.80 -12.24
N LYS A 195 -13.01 -9.79 -12.99
CA LYS A 195 -12.98 -9.90 -14.45
C LYS A 195 -11.78 -9.19 -15.05
N PRO A 196 -11.28 -9.65 -16.15
CA PRO A 196 -10.12 -9.05 -16.72
C PRO A 196 -10.31 -7.59 -17.03
N GLY A 197 -9.23 -6.82 -16.82
CA GLY A 197 -9.31 -5.39 -17.08
C GLY A 197 -9.67 -4.59 -15.84
N MET A 198 -9.98 -5.28 -14.74
CA MET A 198 -10.26 -4.52 -13.53
C MET A 198 -8.87 -4.16 -12.90
N THR A 199 -8.76 -2.97 -12.31
CA THR A 199 -7.50 -2.56 -11.69
C THR A 199 -7.83 -2.13 -10.28
N PHE A 200 -7.09 -2.64 -9.32
CA PHE A 200 -7.34 -2.26 -7.94
C PHE A 200 -6.06 -2.52 -7.15
N THR A 201 -6.11 -2.04 -5.90
CA THR A 201 -4.99 -2.24 -5.00
C THR A 201 -5.37 -3.25 -3.90
N ILE A 202 -4.36 -3.89 -3.31
CA ILE A 202 -4.50 -4.77 -2.17
C ILE A 202 -3.49 -4.11 -1.20
N GLU A 203 -3.87 -3.79 0.04
CA GLU A 203 -2.98 -3.06 0.95
C GLU A 203 -3.29 -3.30 2.44
N PRO A 204 -3.14 -4.53 2.81
CA PRO A 204 -3.45 -4.92 4.16
C PRO A 204 -2.62 -4.22 5.25
N MET A 205 -3.32 -3.77 6.30
CA MET A 205 -2.69 -3.16 7.49
C MET A 205 -2.82 -4.19 8.59
N VAL A 206 -1.68 -4.56 9.13
CA VAL A 206 -1.68 -5.58 10.16
C VAL A 206 -1.10 -5.04 11.44
N ASN A 207 -1.76 -5.38 12.56
CA ASN A 207 -1.32 -4.95 13.85
C ASN A 207 -0.70 -6.08 14.66
N ALA A 208 0.37 -5.74 15.38
CA ALA A 208 1.03 -6.71 16.22
C ALA A 208 0.10 -7.12 17.36
N GLY A 209 -0.71 -6.16 17.78
CA GLY A 209 -1.64 -6.35 18.87
C GLY A 209 -3.05 -6.60 18.39
N LYS A 210 -3.98 -5.82 18.98
CA LYS A 210 -5.41 -5.90 18.73
C LYS A 210 -5.79 -5.10 17.51
N LYS A 211 -6.93 -5.45 16.94
CA LYS A 211 -7.35 -4.80 15.72
C LYS A 211 -7.78 -3.34 15.84
N GLU A 212 -8.21 -2.94 17.03
CA GLU A 212 -8.74 -1.59 17.23
C GLU A 212 -7.84 -0.42 16.86
N ILE A 213 -8.42 0.57 16.20
CA ILE A 213 -7.66 1.74 15.79
C ILE A 213 -8.35 3.00 16.26
N ARG A 214 -7.60 4.09 16.24
CA ARG A 214 -8.11 5.39 16.63
C ARG A 214 -7.55 6.54 15.76
N THR A 215 -8.46 7.44 15.34
CA THR A 215 -8.11 8.61 14.56
C THR A 215 -7.68 9.76 15.42
N MET A 216 -6.55 10.34 15.07
CA MET A 216 -6.02 11.43 15.87
C MET A 216 -6.76 12.72 15.69
N LYS A 217 -6.49 13.70 16.58
CA LYS A 217 -7.15 15.00 16.53
C LYS A 217 -6.77 15.82 15.30
N ASP A 218 -5.70 15.41 14.63
CA ASP A 218 -5.25 16.06 13.42
C ASP A 218 -6.19 15.75 12.26
N GLY A 219 -6.99 14.71 12.46
CA GLY A 219 -7.93 14.34 11.45
C GLY A 219 -7.35 13.43 10.38
N TRP A 220 -6.09 13.09 10.50
CA TRP A 220 -5.51 12.20 9.49
C TRP A 220 -4.89 10.95 10.08
N THR A 221 -3.97 11.19 10.97
CA THR A 221 -3.26 10.12 11.60
C THR A 221 -4.14 9.08 12.27
N VAL A 222 -3.82 7.82 11.97
CA VAL A 222 -4.53 6.73 12.57
C VAL A 222 -3.53 5.93 13.35
N LYS A 223 -3.88 5.60 14.60
CA LYS A 223 -2.97 4.80 15.44
C LYS A 223 -3.67 3.59 16.01
N THR A 224 -2.89 2.61 16.43
CA THR A 224 -3.49 1.42 17.03
C THR A 224 -4.04 1.82 18.39
N LYS A 225 -5.16 1.24 18.84
CA LYS A 225 -5.70 1.58 20.17
C LYS A 225 -4.79 1.12 21.31
N ASP A 226 -4.18 -0.03 21.12
CA ASP A 226 -3.29 -0.54 22.16
C ASP A 226 -1.82 -0.17 22.00
N ARG A 227 -1.56 0.73 21.05
CA ARG A 227 -0.22 1.20 20.78
C ARG A 227 0.76 0.15 20.29
N SER A 228 0.23 -0.96 19.81
CA SER A 228 1.09 -1.99 19.25
C SER A 228 1.56 -1.50 17.85
N LEU A 229 2.59 -2.17 17.32
CA LEU A 229 3.13 -1.80 16.03
C LEU A 229 2.12 -2.18 14.94
N SER A 230 2.14 -1.42 13.85
CA SER A 230 1.28 -1.70 12.71
C SER A 230 2.10 -1.63 11.43
N ALA A 231 1.84 -2.59 10.54
CA ALA A 231 2.54 -2.64 9.25
C ALA A 231 1.56 -2.78 8.06
N GLN A 232 2.03 -2.33 6.91
CA GLN A 232 1.26 -2.35 5.69
C GLN A 232 2.16 -2.40 4.46
N TYR A 233 1.68 -3.08 3.43
CA TYR A 233 2.36 -3.11 2.14
C TYR A 233 1.25 -2.97 1.12
N GLU A 234 1.55 -2.39 -0.04
CA GLU A 234 0.53 -2.22 -1.06
C GLU A 234 1.05 -2.35 -2.48
N HIS A 235 0.21 -2.93 -3.35
CA HIS A 235 0.55 -3.01 -4.75
C HIS A 235 -0.73 -2.72 -5.57
N THR A 236 -0.56 -2.16 -6.76
CA THR A 236 -1.65 -1.90 -7.73
C THR A 236 -1.56 -3.02 -8.79
N ILE A 237 -2.69 -3.63 -9.09
CA ILE A 237 -2.61 -4.73 -10.05
C ILE A 237 -3.71 -4.60 -11.10
N VAL A 238 -3.58 -5.40 -12.14
CA VAL A 238 -4.60 -5.47 -13.16
C VAL A 238 -4.98 -6.95 -13.29
N VAL A 239 -6.28 -7.26 -13.36
CA VAL A 239 -6.67 -8.66 -13.55
C VAL A 239 -6.50 -8.99 -15.04
N THR A 240 -5.82 -10.09 -15.31
CA THR A 240 -5.59 -10.51 -16.67
C THR A 240 -6.47 -11.72 -17.01
N ASP A 241 -6.30 -12.23 -18.22
CA ASP A 241 -7.06 -13.38 -18.69
C ASP A 241 -6.86 -14.61 -17.82
N ASN A 242 -5.67 -14.81 -17.28
CA ASN A 242 -5.48 -16.01 -16.50
C ASN A 242 -4.79 -15.75 -15.19
N GLY A 243 -4.86 -14.52 -14.70
CA GLY A 243 -4.20 -14.25 -13.44
C GLY A 243 -4.14 -12.75 -13.21
N CYS A 244 -2.95 -12.25 -12.93
CA CYS A 244 -2.84 -10.82 -12.71
C CYS A 244 -1.45 -10.34 -13.03
N GLU A 245 -1.33 -9.02 -13.16
CA GLU A 245 -0.04 -8.42 -13.39
C GLU A 245 0.13 -7.32 -12.35
N ILE A 246 1.29 -7.30 -11.72
CA ILE A 246 1.56 -6.33 -10.70
C ILE A 246 2.23 -5.14 -11.32
N LEU A 247 1.49 -4.04 -11.31
CA LEU A 247 1.90 -2.77 -11.91
C LEU A 247 2.98 -2.02 -11.12
N THR A 248 3.02 -2.20 -9.81
CA THR A 248 4.00 -1.46 -9.00
C THR A 248 5.14 -2.33 -8.50
N LEU A 249 5.51 -3.37 -9.23
CA LEU A 249 6.58 -4.24 -8.78
C LEU A 249 7.94 -3.52 -8.67
N ARG A 250 8.70 -3.82 -7.63
CA ARG A 250 10.03 -3.21 -7.44
C ARG A 250 11.10 -4.25 -7.54
N LYS A 251 12.34 -3.77 -7.59
CA LYS A 251 13.50 -4.64 -7.64
C LYS A 251 13.56 -5.60 -6.46
N ASP A 252 13.11 -5.18 -5.27
CA ASP A 252 13.16 -5.99 -4.07
C ASP A 252 11.99 -6.93 -3.86
N ASP A 253 10.96 -6.83 -4.71
CA ASP A 253 9.83 -7.74 -4.58
C ASP A 253 10.35 -9.11 -4.96
N THR A 254 9.82 -10.14 -4.29
CA THR A 254 10.26 -11.51 -4.58
C THR A 254 9.16 -12.34 -5.18
N ILE A 255 8.24 -11.66 -5.81
CA ILE A 255 7.14 -12.32 -6.46
C ILE A 255 7.26 -11.91 -7.92
N PRO A 256 6.88 -12.79 -8.83
CA PRO A 256 6.99 -12.45 -10.22
C PRO A 256 5.93 -11.42 -10.55
N ALA A 257 6.23 -10.64 -11.56
CA ALA A 257 5.35 -9.58 -11.99
C ALA A 257 4.06 -10.08 -12.65
N ILE A 258 4.17 -11.21 -13.33
CA ILE A 258 3.00 -11.80 -13.97
C ILE A 258 2.72 -13.14 -13.30
N ILE A 259 1.50 -13.30 -12.81
CA ILE A 259 1.15 -14.55 -12.18
C ILE A 259 0.12 -15.24 -13.06
N SER A 260 0.45 -16.45 -13.48
CA SER A 260 -0.42 -17.19 -14.36
C SER A 260 -0.97 -18.45 -13.73
N HIS A 261 -2.22 -18.71 -14.06
CA HIS A 261 -2.92 -19.90 -13.56
C HIS A 261 -3.22 -20.89 -14.69
N ASP A 262 -3.05 -22.18 -14.45
CA ASP A 262 -3.32 -23.18 -15.47
C ASP A 262 -3.37 -24.57 -14.84
CO CO B . -4.27 2.52 -1.96
CO CO C . -1.44 3.98 -1.08
NA NA D . 3.37 1.72 10.97
N MET E . -1.99 6.13 -0.95
CA MET E . -3.19 6.07 -0.02
C MET E . -4.15 4.90 -0.38
O MET E . -3.60 3.78 -0.52
CB MET E . -3.99 7.41 0.01
CG MET E . -4.11 8.15 1.36
SD MET E . -4.41 9.91 1.04
CE MET E . -4.27 10.58 2.71
OXT MET E . -5.39 5.14 -0.45
#